data_4EN8
#
_entry.id   4EN8
#
_cell.length_a   177.280
_cell.length_b   177.280
_cell.length_c   80.790
_cell.angle_alpha   90.00
_cell.angle_beta   90.00
_cell.angle_gamma   120.00
#
_symmetry.space_group_name_H-M   'P 63'
#
loop_
_entity.id
_entity.type
_entity.pdbx_description
1 polymer 'Hemagglutinin components HA-22/23/53'
2 polymer 'Hemagglutinin components HA-22/23/53'
3 branched 'N-acetyl-alpha-neuraminic acid-(2-6)-beta-D-galactopyranose-(1-4)-beta-D-glucopyranose'
4 non-polymer (4R)-2-METHYLPENTANE-2,4-DIOL
5 water water
#
loop_
_entity_poly.entity_id
_entity_poly.type
_entity_poly.pdbx_seq_one_letter_code
_entity_poly.pdbx_strand_id
1 'polypeptide(L)'
;ISEFDYKDHDIDYKDDDDKWIMSLSIKELYYTKDKSINNVNLADGNYVVNRGDGWILSRQNQNLGGNISNNGCTAIVGDL
RIRETATPYYYPTASFNEEYIKNNVQNVFANFTEASEIPIGFEFSKTAPSNKSLYMYLQYTYIRYEIIKVLQNTVTERAV
LYVPSLGYVKSIEFNSEEQIDKNFYFTSQDKCILNEKFIYKKIDDTITVKESKNSNNNINFNTS
;
A
2 'polypeptide(L)'
;QTILPYPNGLYVINKGDGYMRTNDKDLIGTLLIESSTSGSIIQPRLRNTTRPLFNTSNPTIFSQEYTEARLNDAFNIQLF
NTSTTLFKFVEEAPTNKNISMKVYNTYEKYELINYQNGNIDDKAEYYLPSLGKCEVSDAPSPQAPVVETPVDQDGFIQTG
PNENIIVGVINPSENIEEISTPIPDDYTYNIPTSIQNNACYVLFKVNTTGVYKITTKNNLPPLIIYEAIGSSNRNMNSNN
LSNDNIKAIKYITGLNRSDAKSYLIVSLFKDKNYYIRIPQISSSTTSQLIFKRELGNISDLADSTVNILDNLNTSGTHYY
TRQSPDVGNYISYQLTIPGDFNNIASSIFSFRTRNNQGIGTLYRLTESINGYNLITINNYSDLLNNVEPISLLNGATYIF
RVKVTELNNYNIIFDAYRNS
;
B
#
loop_
_chem_comp.id
_chem_comp.type
_chem_comp.name
_chem_comp.formula
BGC D-saccharide, beta linking beta-D-glucopyranose 'C6 H12 O6'
GAL D-saccharide, beta linking beta-D-galactopyranose 'C6 H12 O6'
MRD non-polymer (4R)-2-METHYLPENTANE-2,4-DIOL 'C6 H14 O2'
SIA D-saccharide, alpha linking 'N-acetyl-alpha-neuraminic acid' 'C11 H19 N O9'
#
# COMPACT_ATOMS: atom_id res chain seq x y z
N SER A 36 -23.49 -9.16 -4.63
CA SER A 36 -22.48 -8.98 -3.56
C SER A 36 -22.93 -7.94 -2.52
N ILE A 37 -22.10 -6.91 -2.35
CA ILE A 37 -22.35 -5.83 -1.39
C ILE A 37 -23.43 -4.85 -1.91
N ASN A 38 -23.77 -4.96 -3.19
CA ASN A 38 -24.76 -4.08 -3.79
C ASN A 38 -26.17 -4.66 -3.80
N ASN A 39 -26.36 -5.83 -3.20
CA ASN A 39 -27.67 -6.45 -3.19
C ASN A 39 -28.46 -6.21 -1.92
N VAL A 40 -29.33 -5.21 -1.98
CA VAL A 40 -30.18 -4.85 -0.84
C VAL A 40 -31.63 -5.22 -1.09
N ASN A 41 -32.28 -5.78 -0.08
CA ASN A 41 -33.69 -6.15 -0.21
C ASN A 41 -34.57 -4.97 0.19
N LEU A 42 -34.60 -3.96 -0.66
CA LEU A 42 -35.40 -2.76 -0.41
C LEU A 42 -36.14 -2.29 -1.65
N ALA A 43 -37.29 -1.64 -1.44
CA ALA A 43 -38.09 -1.12 -2.53
C ALA A 43 -37.23 -0.11 -3.27
N ASP A 44 -37.62 0.23 -4.49
CA ASP A 44 -36.86 1.19 -5.29
C ASP A 44 -36.91 2.58 -4.68
N GLY A 45 -35.83 3.34 -4.84
CA GLY A 45 -35.77 4.69 -4.30
C GLY A 45 -34.46 4.98 -3.59
N ASN A 46 -34.31 6.20 -3.11
CA ASN A 46 -33.10 6.61 -2.39
C ASN A 46 -33.20 6.35 -0.88
N TYR A 47 -32.06 6.10 -0.25
CA TYR A 47 -32.02 5.83 1.18
C TYR A 47 -30.78 6.40 1.86
N VAL A 48 -30.88 6.63 3.16
CA VAL A 48 -29.76 7.11 3.96
C VAL A 48 -29.51 5.95 4.91
N VAL A 49 -28.26 5.49 4.98
CA VAL A 49 -27.94 4.36 5.82
C VAL A 49 -26.80 4.57 6.79
N ASN A 50 -27.04 4.14 8.03
CA ASN A 50 -26.07 4.21 9.10
C ASN A 50 -25.34 2.87 9.05
N ARG A 51 -24.09 2.87 8.59
CA ARG A 51 -23.34 1.63 8.50
C ARG A 51 -22.64 1.29 9.81
N GLY A 52 -22.94 2.06 10.85
CA GLY A 52 -22.35 1.81 12.16
C GLY A 52 -21.12 2.61 12.54
N ASP A 53 -20.84 2.64 13.85
CA ASP A 53 -19.70 3.35 14.40
C ASP A 53 -18.53 2.35 14.35
N GLY A 54 -17.30 2.81 14.58
CA GLY A 54 -16.18 1.90 14.59
C GLY A 54 -15.38 1.69 13.31
N TRP A 55 -15.55 2.58 12.34
CA TRP A 55 -14.81 2.45 11.10
C TRP A 55 -13.45 3.12 11.12
N ILE A 56 -12.43 2.42 10.64
CA ILE A 56 -11.08 2.99 10.58
C ILE A 56 -10.72 3.11 9.09
N LEU A 57 -10.04 4.19 8.70
CA LEU A 57 -9.71 4.41 7.29
C LEU A 57 -8.42 3.79 6.79
N SER A 58 -8.37 3.59 5.48
CA SER A 58 -7.22 2.99 4.80
C SER A 58 -5.88 3.73 4.95
N ARG A 59 -4.88 2.94 5.33
CA ARG A 59 -3.50 3.34 5.54
C ARG A 59 -3.21 4.53 6.44
N GLN A 60 -4.21 4.98 7.18
CA GLN A 60 -4.02 6.11 8.09
C GLN A 60 -3.61 5.61 9.47
N ASN A 61 -3.43 4.30 9.56
CA ASN A 61 -3.04 3.61 10.80
C ASN A 61 -2.16 4.36 11.79
N GLN A 62 -0.99 4.80 11.32
CA GLN A 62 -0.05 5.46 12.20
C GLN A 62 0.12 6.97 12.10
N ASN A 63 -0.82 7.64 11.45
CA ASN A 63 -0.74 9.09 11.30
C ASN A 63 -0.55 9.87 12.60
N LEU A 64 -1.08 9.36 13.71
CA LEU A 64 -0.98 10.05 14.99
C LEU A 64 0.25 9.73 15.84
N GLY A 65 0.92 8.61 15.57
CA GLY A 65 2.09 8.28 16.36
C GLY A 65 1.92 7.03 17.20
N GLY A 66 3.04 6.53 17.71
CA GLY A 66 3.02 5.34 18.52
C GLY A 66 3.71 5.59 19.85
N ASN A 67 3.39 4.73 20.82
CA ASN A 67 3.90 4.85 22.18
C ASN A 67 4.63 3.57 22.58
N ILE A 68 5.78 3.73 23.24
CA ILE A 68 6.60 2.58 23.65
C ILE A 68 6.85 2.56 25.15
N SER A 69 6.64 1.43 25.79
CA SER A 69 6.88 1.31 27.23
C SER A 69 7.41 -0.06 27.55
N ASN A 70 7.85 -0.27 28.79
CA ASN A 70 8.36 -1.56 29.20
C ASN A 70 8.22 -1.84 30.70
N ASN A 71 8.71 -3.01 31.10
CA ASN A 71 8.74 -3.44 32.50
C ASN A 71 7.60 -3.07 33.44
N GLY A 72 6.37 -3.40 33.09
CA GLY A 72 5.27 -3.11 33.99
C GLY A 72 4.80 -1.67 34.09
N CYS A 73 5.36 -0.79 33.27
CA CYS A 73 4.95 0.59 33.27
C CYS A 73 3.57 0.69 32.61
N THR A 74 2.83 1.75 32.93
CA THR A 74 1.52 1.92 32.33
C THR A 74 1.58 3.03 31.30
N ALA A 75 1.13 2.72 30.10
CA ALA A 75 1.15 3.66 29.00
C ALA A 75 -0.26 4.15 28.71
N ILE A 76 -0.38 5.47 28.57
CA ILE A 76 -1.67 6.10 28.31
C ILE A 76 -1.58 7.02 27.10
N VAL A 77 -2.57 6.93 26.21
CA VAL A 77 -2.64 7.80 25.04
C VAL A 77 -4.08 8.22 24.88
N GLY A 78 -4.32 9.48 24.52
CA GLY A 78 -5.67 9.97 24.36
C GLY A 78 -5.74 11.15 23.42
N ASP A 79 -6.94 11.73 23.25
CA ASP A 79 -7.09 12.87 22.36
C ASP A 79 -8.37 13.65 22.61
N LEU A 80 -8.63 14.62 21.72
CA LEU A 80 -9.80 15.51 21.76
C LEU A 80 -10.20 15.87 20.33
N ARG A 81 -11.25 15.23 19.82
CA ARG A 81 -11.69 15.46 18.44
C ARG A 81 -12.26 16.86 18.23
N ILE A 82 -11.55 17.88 18.69
CA ILE A 82 -11.99 19.26 18.54
C ILE A 82 -12.21 19.62 17.06
N ARG A 83 -13.40 20.15 16.76
CA ARG A 83 -13.78 20.56 15.40
C ARG A 83 -12.57 20.95 14.55
N GLU A 84 -11.79 21.89 15.07
CA GLU A 84 -10.61 22.37 14.38
C GLU A 84 -9.79 21.22 13.80
N THR A 85 -9.70 20.10 14.52
CA THR A 85 -8.90 18.96 14.06
C THR A 85 -9.70 17.95 13.24
N ALA A 86 -10.19 16.90 13.90
CA ALA A 86 -10.94 15.85 13.24
C ALA A 86 -12.04 16.42 12.35
N THR A 87 -11.95 16.12 11.06
CA THR A 87 -12.91 16.61 10.07
C THR A 87 -13.51 15.46 9.25
N PRO A 88 -14.76 15.60 8.78
CA PRO A 88 -15.48 14.61 7.97
C PRO A 88 -14.87 14.35 6.59
N TYR A 89 -15.05 13.13 6.11
CA TYR A 89 -14.58 12.73 4.79
C TYR A 89 -15.80 12.45 3.91
N TYR A 90 -15.94 13.18 2.81
CA TYR A 90 -17.06 12.97 1.89
C TYR A 90 -16.64 12.27 0.61
N TYR A 91 -17.53 11.43 0.10
CA TYR A 91 -17.31 10.69 -1.14
C TYR A 91 -18.64 10.76 -1.87
N PRO A 92 -18.90 11.90 -2.53
CA PRO A 92 -20.13 12.16 -3.29
C PRO A 92 -20.22 11.49 -4.65
N THR A 93 -21.45 11.42 -5.16
CA THR A 93 -21.73 10.83 -6.46
C THR A 93 -22.54 11.86 -7.24
N ALA A 94 -22.84 11.57 -8.49
CA ALA A 94 -23.60 12.50 -9.31
C ALA A 94 -24.96 12.84 -8.72
N SER A 95 -25.66 11.82 -8.21
CA SER A 95 -27.00 12.01 -7.63
C SER A 95 -26.98 12.55 -6.19
N PHE A 96 -25.88 12.32 -5.48
CA PHE A 96 -25.80 12.74 -4.09
C PHE A 96 -24.57 13.58 -3.77
N ASN A 97 -24.74 14.90 -3.70
CA ASN A 97 -23.63 15.78 -3.41
C ASN A 97 -23.44 16.02 -1.91
N GLU A 98 -22.28 16.57 -1.57
CA GLU A 98 -21.94 16.85 -0.19
C GLU A 98 -23.10 17.35 0.66
N GLU A 99 -23.76 18.41 0.23
CA GLU A 99 -24.87 18.98 0.99
C GLU A 99 -26.01 17.97 1.18
N TYR A 100 -26.40 17.32 0.08
CA TYR A 100 -27.47 16.33 0.11
C TYR A 100 -27.17 15.24 1.14
N ILE A 101 -25.90 14.85 1.20
CA ILE A 101 -25.48 13.81 2.14
C ILE A 101 -25.58 14.29 3.60
N LYS A 102 -25.01 15.47 3.86
CA LYS A 102 -25.03 16.02 5.20
C LYS A 102 -26.44 16.19 5.75
N ASN A 103 -27.26 16.96 5.05
CA ASN A 103 -28.60 17.22 5.52
C ASN A 103 -29.42 15.96 5.74
N ASN A 104 -29.33 15.02 4.81
CA ASN A 104 -30.07 13.78 4.95
C ASN A 104 -29.57 12.91 6.10
N VAL A 105 -28.28 13.05 6.43
CA VAL A 105 -27.72 12.29 7.54
C VAL A 105 -28.09 12.93 8.88
N GLN A 106 -27.81 14.22 9.01
CA GLN A 106 -28.09 14.95 10.25
C GLN A 106 -29.58 15.04 10.55
N ASN A 107 -30.39 14.61 9.60
CA ASN A 107 -31.83 14.66 9.77
C ASN A 107 -32.35 13.44 10.52
N VAL A 108 -31.93 12.26 10.08
CA VAL A 108 -32.34 11.02 10.72
C VAL A 108 -31.45 10.66 11.90
N PHE A 109 -30.14 10.79 11.71
CA PHE A 109 -29.18 10.43 12.75
C PHE A 109 -28.53 11.62 13.46
N ALA A 110 -27.52 11.34 14.27
CA ALA A 110 -26.85 12.39 15.03
C ALA A 110 -26.35 13.57 14.19
N ASN A 111 -26.65 14.77 14.65
CA ASN A 111 -26.21 15.97 13.95
C ASN A 111 -24.76 16.20 14.36
N PHE A 112 -23.82 15.70 13.56
CA PHE A 112 -22.39 15.84 13.86
C PHE A 112 -21.85 17.26 13.74
N THR A 113 -22.60 18.14 13.08
CA THR A 113 -22.17 19.52 12.93
C THR A 113 -22.33 20.28 14.24
N GLU A 114 -23.45 20.08 14.91
CA GLU A 114 -23.71 20.74 16.19
C GLU A 114 -22.77 20.17 17.24
N ALA A 115 -22.69 18.85 17.29
CA ALA A 115 -21.83 18.17 18.25
C ALA A 115 -20.38 18.64 18.21
N SER A 116 -19.88 18.85 16.99
CA SER A 116 -18.49 19.26 16.76
C SER A 116 -17.99 20.47 17.54
N GLU A 117 -18.89 21.28 18.06
CA GLU A 117 -18.44 22.46 18.81
C GLU A 117 -18.16 22.16 20.27
N ILE A 118 -18.48 20.94 20.71
CA ILE A 118 -18.28 20.55 22.11
C ILE A 118 -17.19 19.49 22.27
N PRO A 119 -16.01 19.89 22.78
CA PRO A 119 -14.87 19.00 22.99
C PRO A 119 -15.18 17.77 23.82
N ILE A 120 -14.87 16.60 23.27
CA ILE A 120 -15.07 15.31 23.93
C ILE A 120 -13.70 14.61 23.93
N GLY A 121 -13.38 13.92 25.01
CA GLY A 121 -12.10 13.24 25.06
C GLY A 121 -12.21 11.74 25.24
N PHE A 122 -11.10 11.05 24.94
CA PHE A 122 -11.04 9.60 25.10
C PHE A 122 -9.59 9.18 25.30
N GLU A 123 -9.39 8.12 26.07
CA GLU A 123 -8.05 7.61 26.34
C GLU A 123 -8.04 6.11 26.43
N PHE A 124 -6.86 5.55 26.26
CA PHE A 124 -6.64 4.12 26.36
C PHE A 124 -5.40 3.96 27.23
N SER A 125 -5.35 2.91 28.03
CA SER A 125 -4.18 2.68 28.84
C SER A 125 -3.94 1.19 28.86
N LYS A 126 -2.66 0.80 28.92
CA LYS A 126 -2.27 -0.60 28.94
C LYS A 126 -0.95 -0.70 29.71
N THR A 127 -0.74 -1.80 30.42
CA THR A 127 0.48 -1.97 31.18
C THR A 127 1.45 -2.87 30.44
N ALA A 128 2.68 -2.41 30.26
CA ALA A 128 3.68 -3.20 29.58
C ALA A 128 3.96 -4.47 30.40
N PRO A 129 4.36 -5.55 29.73
CA PRO A 129 4.67 -6.82 30.41
C PRO A 129 5.94 -6.80 31.27
N SER A 130 5.97 -7.69 32.25
CA SER A 130 7.09 -7.82 33.20
C SER A 130 8.46 -7.40 32.67
N ASN A 131 8.96 -8.10 31.66
CA ASN A 131 10.28 -7.76 31.12
C ASN A 131 10.28 -7.77 29.61
N LYS A 132 9.33 -7.06 29.02
CA LYS A 132 9.23 -7.00 27.57
C LYS A 132 8.75 -5.61 27.21
N SER A 133 8.86 -5.25 25.94
CA SER A 133 8.43 -3.93 25.49
C SER A 133 7.04 -3.94 24.87
N LEU A 134 6.33 -2.83 25.07
CA LEU A 134 4.98 -2.66 24.55
C LEU A 134 4.92 -1.47 23.59
N TYR A 135 4.18 -1.64 22.51
CA TYR A 135 4.00 -0.59 21.52
C TYR A 135 2.51 -0.50 21.24
N MET A 136 1.97 0.71 21.29
CA MET A 136 0.56 0.88 20.99
C MET A 136 0.45 2.16 20.18
N TYR A 137 -0.41 2.15 19.17
CA TYR A 137 -0.58 3.33 18.35
C TYR A 137 -2.05 3.66 18.25
N LEU A 138 -2.33 4.94 17.98
CA LEU A 138 -3.70 5.40 17.92
C LEU A 138 -4.17 5.87 16.54
N GLN A 139 -5.46 5.67 16.28
CA GLN A 139 -6.06 6.12 15.03
C GLN A 139 -7.53 6.45 15.27
N TYR A 140 -8.03 7.45 14.56
CA TYR A 140 -9.41 7.85 14.73
C TYR A 140 -10.39 6.82 14.19
N THR A 141 -11.56 6.75 14.80
CA THR A 141 -12.60 5.84 14.34
C THR A 141 -13.68 6.76 13.78
N TYR A 142 -14.52 6.22 12.90
CA TYR A 142 -15.55 7.04 12.29
C TYR A 142 -16.87 6.30 12.27
N ILE A 143 -17.90 7.00 11.83
CA ILE A 143 -19.21 6.41 11.68
C ILE A 143 -19.41 6.49 10.18
N ARG A 144 -19.67 5.34 9.55
CA ARG A 144 -19.89 5.31 8.11
C ARG A 144 -21.34 5.50 7.75
N TYR A 145 -21.63 6.56 6.99
CA TYR A 145 -22.99 6.82 6.54
C TYR A 145 -23.00 6.66 5.03
N GLU A 146 -24.10 6.17 4.48
CA GLU A 146 -24.21 5.98 3.04
C GLU A 146 -25.53 6.51 2.49
N ILE A 147 -25.49 7.01 1.26
CA ILE A 147 -26.69 7.45 0.57
C ILE A 147 -26.72 6.52 -0.64
N ILE A 148 -27.67 5.60 -0.66
CA ILE A 148 -27.76 4.64 -1.75
C ILE A 148 -28.98 4.82 -2.67
N LYS A 149 -28.80 4.44 -3.94
CA LYS A 149 -29.85 4.49 -4.95
C LYS A 149 -30.23 3.04 -5.27
N VAL A 150 -31.39 2.61 -4.80
CA VAL A 150 -31.85 1.24 -5.04
C VAL A 150 -32.77 1.13 -6.26
N LEU A 151 -32.48 0.19 -7.15
CA LEU A 151 -33.26 -0.03 -8.36
C LEU A 151 -33.26 -1.51 -8.73
N GLN A 152 -34.27 -2.24 -8.27
CA GLN A 152 -34.43 -3.69 -8.53
C GLN A 152 -33.74 -4.59 -7.51
N ASN A 153 -33.55 -4.08 -6.29
CA ASN A 153 -32.91 -4.82 -5.21
C ASN A 153 -31.38 -4.91 -5.32
N THR A 154 -30.78 -3.89 -5.92
CA THR A 154 -29.34 -3.80 -6.07
C THR A 154 -28.97 -2.32 -6.07
N VAL A 155 -27.91 -1.99 -5.36
CA VAL A 155 -27.46 -0.61 -5.27
C VAL A 155 -26.88 -0.18 -6.60
N THR A 156 -27.39 0.92 -7.14
CA THR A 156 -26.95 1.46 -8.41
C THR A 156 -25.96 2.59 -8.23
N GLU A 157 -26.14 3.37 -7.15
CA GLU A 157 -25.26 4.49 -6.86
C GLU A 157 -25.02 4.48 -5.35
N ARG A 158 -23.84 4.92 -4.92
CA ARG A 158 -23.54 4.94 -3.49
C ARG A 158 -22.62 6.08 -3.09
N ALA A 159 -23.09 6.93 -2.19
CA ALA A 159 -22.30 8.04 -1.68
C ALA A 159 -21.84 7.60 -0.30
N VAL A 160 -20.69 8.10 0.14
CA VAL A 160 -20.18 7.71 1.44
C VAL A 160 -19.72 8.87 2.30
N LEU A 161 -20.02 8.78 3.59
CA LEU A 161 -19.60 9.80 4.55
C LEU A 161 -19.02 9.15 5.79
N TYR A 162 -17.88 9.69 6.21
CA TYR A 162 -17.23 9.21 7.42
C TYR A 162 -17.19 10.37 8.43
N VAL A 163 -17.93 10.21 9.53
CA VAL A 163 -17.97 11.23 10.57
C VAL A 163 -16.99 10.85 11.67
N PRO A 164 -16.08 11.78 12.04
CA PRO A 164 -15.13 11.46 13.10
C PRO A 164 -15.93 11.08 14.33
N SER A 165 -15.56 9.95 14.92
CA SER A 165 -16.22 9.44 16.11
C SER A 165 -15.25 9.60 17.28
N LEU A 166 -14.57 8.52 17.64
CA LEU A 166 -13.58 8.58 18.71
C LEU A 166 -12.23 8.02 18.21
N GLY A 167 -11.69 7.06 18.94
CA GLY A 167 -10.40 6.50 18.56
C GLY A 167 -10.23 5.05 18.95
N TYR A 168 -9.17 4.44 18.43
CA TYR A 168 -8.88 3.05 18.67
C TYR A 168 -7.37 2.84 18.78
N VAL A 169 -6.94 1.98 19.70
CA VAL A 169 -5.50 1.70 19.84
C VAL A 169 -5.23 0.22 19.59
N LYS A 170 -4.05 -0.03 19.03
CA LYS A 170 -3.64 -1.40 18.78
C LYS A 170 -2.30 -1.52 19.48
N SER A 171 -2.08 -2.65 20.13
CA SER A 171 -0.84 -2.85 20.86
C SER A 171 -0.23 -4.20 20.53
N ILE A 172 1.08 -4.28 20.66
CA ILE A 172 1.82 -5.50 20.41
C ILE A 172 3.05 -5.48 21.31
N GLU A 173 3.43 -6.63 21.84
CA GLU A 173 4.61 -6.71 22.67
C GLU A 173 5.77 -7.00 21.72
N PHE A 174 7.00 -6.60 22.06
CA PHE A 174 8.10 -6.83 21.12
C PHE A 174 9.50 -6.72 21.72
N ASN A 175 10.49 -6.91 20.86
CA ASN A 175 11.92 -6.80 21.17
C ASN A 175 12.61 -6.51 19.84
N SER A 176 13.75 -5.84 19.88
CA SER A 176 14.49 -5.45 18.68
C SER A 176 14.79 -6.53 17.63
N GLU A 177 14.42 -7.77 17.90
CA GLU A 177 14.69 -8.83 16.94
C GLU A 177 13.44 -9.36 16.25
N GLU A 178 12.32 -9.35 16.97
CA GLU A 178 11.06 -9.85 16.42
C GLU A 178 10.61 -9.25 15.11
N GLN A 179 10.00 -10.09 14.29
CA GLN A 179 9.46 -9.67 13.01
C GLN A 179 7.97 -9.50 13.29
N ILE A 180 7.38 -8.45 12.75
CA ILE A 180 5.96 -8.18 12.97
C ILE A 180 5.17 -8.30 11.68
N ASP A 181 3.98 -8.88 11.80
CA ASP A 181 3.11 -9.04 10.64
C ASP A 181 2.77 -7.60 10.27
N LYS A 182 2.96 -7.24 9.00
CA LYS A 182 2.66 -5.89 8.60
C LYS A 182 1.19 -5.52 8.64
N ASN A 183 0.32 -6.50 8.78
CA ASN A 183 -1.10 -6.20 8.87
C ASN A 183 -1.36 -5.44 10.15
N PHE A 184 -0.47 -5.64 11.13
CA PHE A 184 -0.59 -4.95 12.40
C PHE A 184 -0.50 -3.43 12.19
N TYR A 185 0.46 -3.03 11.37
CA TYR A 185 0.74 -1.62 11.08
C TYR A 185 -0.09 -1.00 9.96
N PHE A 186 -0.59 -1.81 9.03
CA PHE A 186 -1.26 -1.28 7.84
C PHE A 186 -2.64 -1.86 7.51
N THR A 187 -3.58 -0.97 7.21
CA THR A 187 -4.93 -1.35 6.84
C THR A 187 -5.14 -0.82 5.44
N SER A 188 -5.11 -1.69 4.45
CA SER A 188 -5.27 -1.21 3.07
C SER A 188 -6.69 -0.84 2.66
N GLN A 189 -7.69 -1.46 3.28
CA GLN A 189 -9.07 -1.17 2.94
C GLN A 189 -9.94 -0.78 4.13
N ASP A 190 -10.75 0.27 3.96
CA ASP A 190 -11.63 0.72 5.03
C ASP A 190 -12.33 -0.47 5.65
N LYS A 191 -12.47 -0.47 6.96
CA LYS A 191 -13.16 -1.55 7.66
C LYS A 191 -13.71 -1.09 8.98
N CYS A 192 -14.56 -1.92 9.57
CA CYS A 192 -15.18 -1.61 10.85
C CYS A 192 -14.63 -2.55 11.91
N ILE A 193 -14.17 -2.00 13.03
CA ILE A 193 -13.61 -2.80 14.10
C ILE A 193 -14.72 -3.42 14.96
N LEU A 194 -15.95 -2.98 14.72
CA LEU A 194 -17.12 -3.50 15.42
C LEU A 194 -17.94 -4.18 14.33
N ASN A 195 -19.09 -4.72 14.68
CA ASN A 195 -19.93 -5.36 13.66
C ASN A 195 -20.51 -4.26 12.80
N GLU A 196 -20.49 -4.43 11.48
CA GLU A 196 -21.04 -3.43 10.57
C GLU A 196 -22.55 -3.34 10.77
N LYS A 197 -23.15 -2.27 10.31
CA LYS A 197 -24.59 -2.12 10.46
C LYS A 197 -25.26 -1.69 9.16
N PHE A 198 -26.59 -1.75 9.14
CA PHE A 198 -27.39 -1.34 7.99
C PHE A 198 -28.73 -0.89 8.52
N ILE A 199 -28.79 0.37 8.94
CA ILE A 199 -30.01 0.97 9.47
C ILE A 199 -30.33 2.06 8.47
N TYR A 200 -31.47 1.94 7.81
CA TYR A 200 -31.86 2.89 6.77
C TYR A 200 -33.14 3.66 7.01
N LYS A 201 -33.43 4.53 6.05
CA LYS A 201 -34.65 5.31 6.04
C LYS A 201 -34.75 5.85 4.63
N LYS A 202 -35.90 5.61 4.01
CA LYS A 202 -36.13 6.06 2.65
C LYS A 202 -36.16 7.59 2.60
N ILE A 203 -35.49 8.15 1.60
CA ILE A 203 -35.47 9.61 1.45
C ILE A 203 -36.63 10.01 0.56
N ASP A 204 -37.37 11.04 0.97
CA ASP A 204 -38.52 11.51 0.22
C ASP A 204 -38.25 12.88 -0.42
N ASP A 205 -39.13 13.32 -1.30
CA ASP A 205 -38.98 14.61 -1.98
C ASP A 205 -37.81 14.63 -2.95
N GLN B 1 20.74 -2.09 1.83
CA GLN B 1 21.54 -2.69 0.72
C GLN B 1 20.89 -3.99 0.22
N THR B 2 19.59 -3.93 -0.01
CA THR B 2 18.83 -5.09 -0.49
C THR B 2 18.04 -4.77 -1.76
N ILE B 3 17.70 -5.81 -2.51
CA ILE B 3 16.95 -5.64 -3.75
C ILE B 3 15.53 -5.16 -3.50
N LEU B 4 15.11 -4.18 -4.29
CA LEU B 4 13.78 -3.60 -4.19
C LEU B 4 13.07 -3.90 -5.53
N PRO B 5 12.23 -4.93 -5.55
CA PRO B 5 11.45 -5.40 -6.71
C PRO B 5 10.30 -4.52 -7.15
N TYR B 6 10.59 -3.28 -7.50
CA TYR B 6 9.52 -2.37 -7.91
C TYR B 6 9.92 -1.59 -9.16
N PRO B 7 8.91 -1.05 -9.87
CA PRO B 7 9.20 -0.28 -11.08
C PRO B 7 9.73 1.09 -10.69
N ASN B 8 10.22 1.85 -11.66
CA ASN B 8 10.74 3.17 -11.38
C ASN B 8 9.59 4.02 -10.87
N GLY B 9 9.92 5.00 -10.03
CA GLY B 9 8.90 5.88 -9.50
C GLY B 9 9.19 6.32 -8.08
N LEU B 10 8.19 6.93 -7.45
CA LEU B 10 8.33 7.41 -6.09
C LEU B 10 7.73 6.44 -5.06
N TYR B 11 8.39 6.36 -3.92
CA TYR B 11 7.97 5.49 -2.84
C TYR B 11 8.13 6.17 -1.48
N VAL B 12 7.18 5.92 -0.59
CA VAL B 12 7.25 6.45 0.76
C VAL B 12 7.34 5.21 1.63
N ILE B 13 8.42 5.07 2.38
CA ILE B 13 8.62 3.90 3.23
C ILE B 13 8.52 4.24 4.70
N ASN B 14 7.58 3.62 5.41
CA ASN B 14 7.46 3.85 6.85
C ASN B 14 8.50 2.92 7.47
N LYS B 15 9.58 3.47 7.97
CA LYS B 15 10.64 2.64 8.53
C LYS B 15 10.54 2.39 10.02
N GLY B 16 9.39 2.68 10.60
CA GLY B 16 9.21 2.43 12.02
C GLY B 16 9.05 3.60 12.96
N ASP B 17 8.60 3.28 14.17
CA ASP B 17 8.37 4.24 15.24
C ASP B 17 9.49 4.05 16.25
N GLY B 18 9.56 4.93 17.24
CA GLY B 18 10.58 4.77 18.26
C GLY B 18 11.94 5.36 17.97
N TYR B 19 12.05 6.11 16.87
CA TYR B 19 13.33 6.72 16.53
C TYR B 19 13.58 7.94 17.41
N MET B 20 14.81 8.07 17.87
CA MET B 20 15.18 9.22 18.69
C MET B 20 16.68 9.45 18.51
N ARG B 21 17.11 10.68 18.73
CA ARG B 21 18.52 11.01 18.58
C ARG B 21 19.37 10.49 19.72
N THR B 22 20.67 10.44 19.47
CA THR B 22 21.63 9.97 20.45
C THR B 22 21.97 11.06 21.47
N ASN B 23 22.74 10.68 22.47
CA ASN B 23 23.17 11.61 23.52
C ASN B 23 21.99 12.27 24.27
N ASP B 24 20.90 11.52 24.43
CA ASP B 24 19.72 12.00 25.12
C ASP B 24 19.17 13.32 24.57
N LYS B 25 19.35 13.59 23.28
CA LYS B 25 18.85 14.85 22.75
C LYS B 25 17.33 14.90 22.69
N ASP B 26 16.68 13.80 23.02
CA ASP B 26 15.23 13.76 23.03
C ASP B 26 14.72 13.39 24.41
N LEU B 27 15.62 13.38 25.38
CA LEU B 27 15.25 13.07 26.76
C LEU B 27 14.36 14.18 27.30
N ILE B 28 13.19 13.81 27.83
CA ILE B 28 12.28 14.78 28.40
C ILE B 28 12.61 14.93 29.88
N GLY B 29 12.95 13.82 30.51
CA GLY B 29 13.29 13.85 31.92
C GLY B 29 13.34 12.49 32.59
N THR B 30 13.86 12.48 33.81
CA THR B 30 13.97 11.25 34.59
C THR B 30 13.34 11.50 35.95
N LEU B 31 12.62 10.52 36.45
CA LEU B 31 12.01 10.64 37.77
C LEU B 31 12.56 9.55 38.64
N LEU B 32 12.91 9.89 39.88
CA LEU B 32 13.36 8.89 40.82
C LEU B 32 12.09 8.60 41.60
N ILE B 33 11.58 7.39 41.48
CA ILE B 33 10.35 7.01 42.17
C ILE B 33 10.67 6.11 43.35
N GLU B 34 10.61 6.68 44.55
CA GLU B 34 10.88 5.93 45.76
C GLU B 34 9.87 4.82 45.95
N SER B 35 10.29 3.77 46.65
CA SER B 35 9.43 2.63 46.92
C SER B 35 8.09 3.05 47.53
N SER B 36 7.03 2.35 47.15
CA SER B 36 5.68 2.64 47.64
C SER B 36 5.24 4.05 47.25
N THR B 37 5.59 4.45 46.03
CA THR B 37 5.27 5.77 45.52
C THR B 37 5.01 5.61 44.03
N SER B 38 4.26 6.52 43.45
CA SER B 38 3.99 6.45 42.03
C SER B 38 4.51 7.69 41.34
N GLY B 39 5.10 7.49 40.17
CA GLY B 39 5.63 8.60 39.40
C GLY B 39 4.92 8.67 38.07
N SER B 40 4.82 9.87 37.52
CA SER B 40 4.14 10.03 36.25
C SER B 40 4.70 11.20 35.43
N ILE B 41 4.89 10.97 34.14
CA ILE B 41 5.35 12.02 33.23
C ILE B 41 4.30 12.19 32.14
N ILE B 42 3.91 13.44 31.89
CA ILE B 42 2.86 13.74 30.93
C ILE B 42 3.17 14.75 29.85
N GLN B 43 2.63 14.48 28.67
CA GLN B 43 2.70 15.39 27.52
C GLN B 43 1.20 15.69 27.37
N PRO B 44 0.72 16.74 28.03
CA PRO B 44 -0.68 17.19 28.03
C PRO B 44 -1.16 17.99 26.84
N ARG B 45 -0.26 18.33 25.94
CA ARG B 45 -0.62 19.13 24.77
C ARG B 45 -1.28 20.44 25.20
N LEU B 46 -0.67 21.13 26.16
CA LEU B 46 -1.19 22.42 26.61
C LEU B 46 -0.81 23.40 25.49
N ARG B 47 0.05 22.89 24.61
CA ARG B 47 0.52 23.57 23.42
C ARG B 47 0.49 22.44 22.41
N ASN B 48 -0.08 22.68 21.24
CA ASN B 48 -0.16 21.63 20.24
C ASN B 48 1.02 21.61 19.27
N THR B 49 2.08 22.31 19.62
CA THR B 49 3.25 22.37 18.74
C THR B 49 4.22 21.18 18.87
N THR B 50 4.63 20.65 17.72
CA THR B 50 5.60 19.55 17.70
C THR B 50 6.73 19.97 16.78
N ARG B 51 7.90 19.37 16.94
CA ARG B 51 9.04 19.73 16.10
C ARG B 51 9.58 18.56 15.27
N PRO B 52 9.14 18.46 14.00
CA PRO B 52 9.58 17.40 13.10
C PRO B 52 11.07 17.54 12.79
N LEU B 53 11.66 16.49 12.23
CA LEU B 53 13.06 16.53 11.84
C LEU B 53 13.08 16.14 10.39
N PHE B 54 13.90 16.81 9.59
CA PHE B 54 13.94 16.55 8.17
C PHE B 54 15.35 16.49 7.61
N ASN B 55 15.54 15.66 6.60
CA ASN B 55 16.83 15.52 5.98
C ASN B 55 16.62 15.10 4.52
N THR B 56 17.25 15.81 3.57
CA THR B 56 17.09 15.49 2.16
C THR B 56 18.41 15.52 1.41
N SER B 57 18.48 14.76 0.31
CA SER B 57 19.70 14.71 -0.49
C SER B 57 19.60 15.64 -1.69
N ASN B 58 18.44 16.26 -1.85
CA ASN B 58 18.17 17.17 -2.95
C ASN B 58 17.12 18.16 -2.46
N PRO B 59 17.57 19.26 -1.84
CA PRO B 59 16.71 20.32 -1.28
C PRO B 59 15.86 21.09 -2.28
N THR B 60 16.29 21.12 -3.53
CA THR B 60 15.55 21.86 -4.56
C THR B 60 14.29 21.14 -5.03
N ILE B 61 14.38 19.81 -5.15
CA ILE B 61 13.23 19.04 -5.57
C ILE B 61 12.57 18.37 -4.34
N PHE B 62 13.36 17.61 -3.58
CA PHE B 62 12.84 16.96 -2.39
C PHE B 62 12.92 17.88 -1.18
N SER B 63 12.16 18.98 -1.24
CA SER B 63 12.11 19.94 -0.16
C SER B 63 11.19 19.35 0.91
N GLN B 64 11.19 19.94 2.10
CA GLN B 64 10.34 19.43 3.17
C GLN B 64 8.86 19.53 2.79
N GLU B 65 8.48 20.61 2.12
CA GLU B 65 7.09 20.77 1.73
C GLU B 65 6.71 19.72 0.70
N TYR B 66 7.66 19.36 -0.15
CA TYR B 66 7.43 18.36 -1.18
C TYR B 66 7.29 16.99 -0.53
N THR B 67 8.22 16.66 0.36
CA THR B 67 8.18 15.39 1.04
C THR B 67 6.88 15.25 1.81
N GLU B 68 6.46 16.31 2.49
CA GLU B 68 5.22 16.28 3.25
C GLU B 68 4.06 15.95 2.32
N ALA B 69 4.06 16.54 1.12
CA ALA B 69 2.98 16.25 0.16
C ALA B 69 3.00 14.76 -0.22
N ARG B 70 4.19 14.18 -0.37
CA ARG B 70 4.30 12.77 -0.71
C ARG B 70 3.71 11.96 0.45
N LEU B 71 4.18 12.21 1.66
CA LEU B 71 3.68 11.52 2.85
C LEU B 71 2.16 11.61 2.90
N ASN B 72 1.61 12.73 2.46
CA ASN B 72 0.16 12.87 2.46
C ASN B 72 -0.42 11.95 1.41
N ASP B 73 0.22 11.88 0.25
CA ASP B 73 -0.25 11.00 -0.82
C ASP B 73 -0.20 9.54 -0.39
N ALA B 74 0.89 9.17 0.29
CA ALA B 74 1.05 7.79 0.74
C ALA B 74 0.14 7.39 1.89
N PHE B 75 0.23 8.08 3.02
CA PHE B 75 -0.57 7.71 4.19
C PHE B 75 -1.70 8.65 4.56
N ASN B 76 -1.83 9.74 3.84
CA ASN B 76 -2.88 10.71 4.09
C ASN B 76 -2.68 11.45 5.41
N ILE B 77 -1.43 11.57 5.84
CA ILE B 77 -1.14 12.27 7.08
C ILE B 77 -1.61 13.72 6.94
N GLN B 78 -2.39 14.18 7.91
CA GLN B 78 -2.92 15.55 7.87
C GLN B 78 -2.00 16.56 8.56
N LEU B 79 -1.72 16.35 9.85
CA LEU B 79 -0.89 17.26 10.62
C LEU B 79 0.56 16.82 10.75
N PHE B 80 1.48 17.73 10.43
CA PHE B 80 2.91 17.44 10.50
C PHE B 80 3.65 18.09 11.67
N ASN B 81 3.29 19.32 12.01
CA ASN B 81 3.96 19.98 13.13
C ASN B 81 3.06 20.41 14.28
N THR B 82 1.95 19.70 14.43
CA THR B 82 1.02 19.94 15.54
C THR B 82 0.38 18.61 15.90
N SER B 83 -0.16 18.54 17.11
CA SER B 83 -0.80 17.33 17.60
C SER B 83 -1.69 17.63 18.78
N THR B 84 -2.81 16.92 18.89
CA THR B 84 -3.70 17.10 20.02
C THR B 84 -3.73 15.76 20.76
N THR B 85 -2.89 14.84 20.33
CA THR B 85 -2.83 13.52 20.94
C THR B 85 -1.93 13.53 22.16
N LEU B 86 -2.52 13.22 23.31
CA LEU B 86 -1.80 13.19 24.58
C LEU B 86 -1.21 11.83 24.81
N PHE B 87 -0.09 11.80 25.52
CA PHE B 87 0.53 10.53 25.89
C PHE B 87 1.07 10.74 27.31
N LYS B 88 1.03 9.69 28.10
CA LYS B 88 1.46 9.79 29.48
C LYS B 88 1.86 8.43 30.00
N PHE B 89 2.86 8.40 30.87
CA PHE B 89 3.33 7.15 31.44
C PHE B 89 3.13 7.17 32.96
N VAL B 90 2.80 6.01 33.54
CA VAL B 90 2.60 5.93 34.98
C VAL B 90 3.22 4.63 35.51
N GLU B 91 4.05 4.76 36.55
CA GLU B 91 4.73 3.62 37.16
C GLU B 91 4.68 3.67 38.69
N GLU B 92 4.46 2.53 39.32
CA GLU B 92 4.46 2.49 40.77
C GLU B 92 5.66 1.66 41.21
N ALA B 93 6.41 2.18 42.17
CA ALA B 93 7.59 1.48 42.68
C ALA B 93 7.19 0.41 43.70
N PRO B 94 7.88 -0.73 43.69
CA PRO B 94 7.58 -1.81 44.63
C PRO B 94 7.88 -1.32 46.04
N THR B 95 7.59 -2.14 47.05
CA THR B 95 7.85 -1.74 48.43
C THR B 95 9.30 -1.94 48.83
N ASN B 96 10.01 -2.73 48.05
CA ASN B 96 11.41 -3.06 48.33
C ASN B 96 12.45 -2.18 47.66
N LYS B 97 12.14 -1.59 46.51
CA LYS B 97 13.13 -0.76 45.82
C LYS B 97 12.61 0.51 45.17
N ASN B 98 13.56 1.32 44.72
CA ASN B 98 13.28 2.59 44.04
C ASN B 98 13.32 2.35 42.54
N ILE B 99 12.58 3.16 41.79
CA ILE B 99 12.55 3.00 40.35
C ILE B 99 12.95 4.27 39.62
N SER B 100 13.58 4.07 38.47
CA SER B 100 14.00 5.17 37.62
C SER B 100 13.11 5.19 36.37
N MET B 101 12.43 6.31 36.15
CA MET B 101 11.57 6.45 34.98
C MET B 101 12.13 7.48 34.01
N LYS B 102 12.54 7.02 32.84
CA LYS B 102 13.08 7.91 31.81
C LYS B 102 12.11 8.03 30.65
N VAL B 103 11.78 9.24 30.26
CA VAL B 103 10.88 9.43 29.13
C VAL B 103 11.55 10.27 28.06
N TYR B 104 11.38 9.85 26.81
CA TYR B 104 11.96 10.51 25.64
C TYR B 104 10.89 10.82 24.61
N ASN B 105 11.17 11.80 23.77
CA ASN B 105 10.29 12.13 22.66
C ASN B 105 10.73 11.14 21.59
N THR B 106 9.86 10.80 20.65
CA THR B 106 10.21 9.87 19.60
C THR B 106 9.68 10.34 18.26
N TYR B 107 10.05 9.62 17.20
CA TYR B 107 9.61 9.96 15.86
C TYR B 107 9.38 8.69 15.05
N GLU B 108 8.50 8.80 14.05
CA GLU B 108 8.22 7.72 13.13
C GLU B 108 9.04 8.14 11.93
N LYS B 109 9.83 7.23 11.37
CA LYS B 109 10.67 7.59 10.24
C LYS B 109 10.08 7.21 8.88
N TYR B 110 9.78 8.21 8.06
CA TYR B 110 9.24 8.00 6.72
C TYR B 110 10.32 8.37 5.72
N GLU B 111 10.69 7.42 4.87
CA GLU B 111 11.72 7.67 3.86
C GLU B 111 11.11 7.84 2.48
N LEU B 112 11.42 8.95 1.82
CA LEU B 112 10.93 9.23 0.47
C LEU B 112 12.09 8.96 -0.48
N ILE B 113 11.83 8.16 -1.50
CA ILE B 113 12.89 7.84 -2.46
C ILE B 113 12.42 7.90 -3.90
N ASN B 114 13.35 8.29 -4.77
CA ASN B 114 13.11 8.34 -6.21
C ASN B 114 13.89 7.14 -6.70
N TYR B 115 13.16 6.07 -7.03
CA TYR B 115 13.75 4.81 -7.47
C TYR B 115 13.80 4.70 -8.99
N GLN B 116 15.00 4.59 -9.54
CA GLN B 116 15.18 4.49 -10.99
C GLN B 116 16.16 3.38 -11.40
N ASN B 117 15.61 2.37 -12.09
CA ASN B 117 16.37 1.21 -12.58
C ASN B 117 17.13 0.49 -11.48
N GLY B 118 16.42 0.10 -10.43
CA GLY B 118 17.08 -0.61 -9.34
C GLY B 118 18.05 0.27 -8.56
N ASN B 119 17.91 1.58 -8.69
CA ASN B 119 18.77 2.51 -7.99
C ASN B 119 18.01 3.69 -7.40
N ILE B 120 18.45 4.16 -6.25
CA ILE B 120 17.83 5.29 -5.57
C ILE B 120 18.63 6.53 -5.94
N ASP B 121 18.02 7.41 -6.72
CA ASP B 121 18.72 8.62 -7.16
C ASP B 121 18.52 9.82 -6.24
N ASP B 122 17.45 9.80 -5.48
CA ASP B 122 17.17 10.89 -4.55
C ASP B 122 16.57 10.30 -3.29
N LYS B 123 16.77 10.96 -2.16
CA LYS B 123 16.28 10.43 -0.91
C LYS B 123 16.08 11.49 0.17
N ALA B 124 14.97 11.37 0.88
CA ALA B 124 14.64 12.29 1.95
C ALA B 124 14.11 11.49 3.13
N GLU B 125 14.53 11.88 4.33
CA GLU B 125 14.07 11.21 5.53
C GLU B 125 13.27 12.22 6.34
N TYR B 126 12.00 11.90 6.58
CA TYR B 126 11.14 12.77 7.35
C TYR B 126 10.81 12.08 8.67
N TYR B 127 11.09 12.76 9.78
CA TYR B 127 10.85 12.20 11.10
C TYR B 127 9.61 12.83 11.74
N LEU B 128 8.49 12.14 11.60
CA LEU B 128 7.22 12.60 12.15
C LEU B 128 7.18 12.47 13.67
N PRO B 129 6.91 13.57 14.39
CA PRO B 129 6.86 13.53 15.86
C PRO B 129 5.89 12.46 16.34
N SER B 130 6.35 11.60 17.23
CA SER B 130 5.55 10.50 17.74
C SER B 130 5.08 10.64 19.21
N LEU B 131 4.67 9.52 19.83
CA LEU B 131 4.14 9.57 21.19
C LEU B 131 5.03 9.03 22.33
N GLY B 132 6.34 9.22 22.20
CA GLY B 132 7.27 8.86 23.25
C GLY B 132 7.62 7.44 23.60
N LYS B 133 8.68 7.34 24.40
CA LYS B 133 9.22 6.09 24.89
C LYS B 133 9.47 6.24 26.39
N CYS B 134 9.14 5.21 27.16
CA CYS B 134 9.40 5.27 28.59
C CYS B 134 10.20 4.06 29.04
N GLU B 135 11.33 4.33 29.69
CA GLU B 135 12.20 3.27 30.20
C GLU B 135 12.20 3.24 31.73
N VAL B 136 11.68 2.17 32.32
CA VAL B 136 11.68 2.09 33.78
C VAL B 136 12.66 1.00 34.14
N SER B 137 13.34 1.16 35.27
CA SER B 137 14.31 0.18 35.72
C SER B 137 14.69 0.47 37.16
N ASP B 138 15.44 -0.44 37.76
CA ASP B 138 15.85 -0.24 39.15
C ASP B 138 16.67 1.04 39.21
N ALA B 139 16.39 1.89 40.19
CA ALA B 139 17.12 3.14 40.34
C ALA B 139 18.58 2.83 40.59
N PRO B 140 19.49 3.57 39.94
CA PRO B 140 20.93 3.37 40.12
C PRO B 140 21.36 3.93 41.46
N SER B 141 22.48 3.46 41.97
CA SER B 141 22.98 3.94 43.25
C SER B 141 23.57 5.33 43.12
N PRO B 142 23.21 6.23 44.04
CA PRO B 142 23.77 7.59 43.95
C PRO B 142 25.27 7.55 44.13
N GLN B 143 25.79 6.40 44.57
CA GLN B 143 27.23 6.23 44.80
C GLN B 143 27.94 5.50 43.68
N ALA B 144 27.20 4.94 42.74
CA ALA B 144 27.81 4.23 41.63
C ALA B 144 28.97 5.10 41.09
N PRO B 145 30.15 4.50 40.93
CA PRO B 145 31.31 5.24 40.42
C PRO B 145 31.07 5.89 39.06
N VAL B 146 31.42 7.17 38.97
CA VAL B 146 31.25 7.90 37.73
C VAL B 146 32.33 7.46 36.73
N VAL B 147 31.87 6.97 35.59
CA VAL B 147 32.76 6.49 34.53
C VAL B 147 32.83 7.46 33.37
N GLU B 148 34.01 8.05 33.13
CA GLU B 148 34.16 8.99 32.03
C GLU B 148 33.83 8.25 30.74
N THR B 149 32.78 8.70 30.06
CA THR B 149 32.36 8.08 28.83
C THR B 149 32.28 9.07 27.70
N PRO B 150 32.84 8.72 26.53
CA PRO B 150 32.83 9.60 25.36
C PRO B 150 31.41 9.72 24.78
N VAL B 151 31.04 10.91 24.34
CA VAL B 151 29.73 11.14 23.76
C VAL B 151 29.61 10.28 22.51
N ASP B 152 28.41 9.79 22.20
CA ASP B 152 28.25 8.97 21.00
C ASP B 152 28.22 9.82 19.76
N GLN B 153 28.18 9.15 18.61
CA GLN B 153 28.14 9.86 17.34
C GLN B 153 26.76 10.44 17.16
N ASP B 154 26.69 11.63 16.60
CA ASP B 154 25.42 12.30 16.34
C ASP B 154 24.57 11.41 15.41
N GLY B 155 23.30 11.23 15.74
CA GLY B 155 22.45 10.40 14.90
C GLY B 155 21.17 9.89 15.54
N PHE B 156 20.55 8.91 14.91
CA PHE B 156 19.29 8.32 15.38
C PHE B 156 19.43 6.84 15.70
N ILE B 157 18.61 6.34 16.62
CA ILE B 157 18.60 4.92 16.93
C ILE B 157 17.14 4.52 16.87
N GLN B 158 16.89 3.26 16.55
CA GLN B 158 15.53 2.75 16.45
C GLN B 158 15.13 2.02 17.71
N THR B 159 14.06 2.50 18.33
CA THR B 159 13.54 1.97 19.58
C THR B 159 12.25 1.17 19.45
N GLY B 160 11.46 1.44 18.42
CA GLY B 160 10.22 0.72 18.24
C GLY B 160 10.35 -0.65 17.62
N PRO B 161 9.22 -1.33 17.37
CA PRO B 161 9.27 -2.66 16.76
C PRO B 161 9.70 -2.55 15.29
N ASN B 162 10.29 -3.60 14.75
CA ASN B 162 10.73 -3.56 13.35
C ASN B 162 9.56 -3.33 12.41
N GLU B 163 9.75 -2.41 11.47
CA GLU B 163 8.71 -2.08 10.52
C GLU B 163 9.32 -1.53 9.25
N ASN B 164 8.77 -1.93 8.11
CA ASN B 164 9.24 -1.46 6.82
C ASN B 164 8.12 -1.60 5.82
N ILE B 165 7.26 -0.58 5.77
CA ILE B 165 6.12 -0.61 4.87
C ILE B 165 6.27 0.34 3.68
N ILE B 166 6.38 -0.25 2.50
CA ILE B 166 6.56 0.47 1.26
C ILE B 166 5.22 0.85 0.62
N VAL B 167 5.01 2.14 0.41
CA VAL B 167 3.79 2.62 -0.24
C VAL B 167 4.23 3.49 -1.40
N GLY B 168 3.81 3.12 -2.61
CA GLY B 168 4.19 3.91 -3.79
C GLY B 168 3.15 4.97 -4.06
N VAL B 169 3.54 6.09 -4.65
CA VAL B 169 2.60 7.18 -4.92
C VAL B 169 2.65 7.63 -6.37
N ILE B 170 1.53 8.10 -6.89
CA ILE B 170 1.51 8.57 -8.28
C ILE B 170 2.61 9.62 -8.46
N ASN B 171 3.38 9.51 -9.52
CA ASN B 171 4.43 10.48 -9.76
C ASN B 171 3.68 11.77 -10.06
N PRO B 172 3.76 12.75 -9.15
CA PRO B 172 3.07 14.03 -9.32
C PRO B 172 3.41 14.83 -10.58
N SER B 173 4.49 14.47 -11.28
CA SER B 173 4.87 15.20 -12.49
C SER B 173 4.39 14.51 -13.79
N GLU B 174 3.56 13.49 -13.64
CA GLU B 174 3.02 12.78 -14.79
C GLU B 174 1.51 12.92 -14.68
N ASN B 175 0.87 13.33 -15.76
CA ASN B 175 -0.58 13.55 -15.74
C ASN B 175 -1.42 12.31 -15.60
N ILE B 176 -2.64 12.52 -15.12
CA ILE B 176 -3.59 11.43 -14.92
C ILE B 176 -4.79 11.55 -15.84
N GLU B 177 -4.94 10.59 -16.75
CA GLU B 177 -6.07 10.56 -17.67
C GLU B 177 -7.10 9.69 -16.96
N GLU B 178 -8.36 9.75 -17.39
CA GLU B 178 -9.39 8.95 -16.75
C GLU B 178 -10.37 8.37 -17.75
N ILE B 179 -10.69 7.10 -17.59
CA ILE B 179 -11.66 6.45 -18.47
C ILE B 179 -12.93 6.42 -17.64
N SER B 180 -13.68 7.52 -17.74
CA SER B 180 -14.93 7.72 -17.02
C SER B 180 -15.89 6.53 -16.92
N THR B 181 -16.14 5.84 -18.03
CA THR B 181 -17.07 4.71 -18.01
C THR B 181 -16.43 3.37 -17.69
N PRO B 182 -17.06 2.60 -16.79
CA PRO B 182 -16.52 1.28 -16.42
C PRO B 182 -16.35 0.47 -17.71
N ILE B 183 -15.12 0.11 -18.04
CA ILE B 183 -14.88 -0.62 -19.28
C ILE B 183 -15.59 -1.98 -19.34
N PRO B 184 -16.25 -2.26 -20.48
CA PRO B 184 -16.96 -3.53 -20.66
C PRO B 184 -15.94 -4.63 -20.95
N ASP B 185 -16.38 -5.75 -21.53
CA ASP B 185 -15.48 -6.85 -21.84
C ASP B 185 -14.40 -6.50 -22.85
N ASP B 186 -14.72 -5.58 -23.77
CA ASP B 186 -13.75 -5.15 -24.77
C ASP B 186 -13.75 -3.64 -24.78
N TYR B 187 -12.56 -3.05 -24.88
CA TYR B 187 -12.44 -1.61 -24.89
C TYR B 187 -11.11 -1.17 -25.44
N THR B 188 -11.11 -0.07 -26.19
CA THR B 188 -9.89 0.46 -26.76
C THR B 188 -9.79 1.94 -26.44
N TYR B 189 -8.68 2.31 -25.80
CA TYR B 189 -8.45 3.69 -25.41
C TYR B 189 -7.38 4.32 -26.29
N ASN B 190 -7.68 5.49 -26.84
CA ASN B 190 -6.72 6.18 -27.68
C ASN B 190 -5.85 7.07 -26.80
N ILE B 191 -4.56 6.76 -26.78
CA ILE B 191 -3.60 7.49 -25.98
C ILE B 191 -3.40 8.91 -26.51
N PRO B 192 -3.81 9.92 -25.73
CA PRO B 192 -3.68 11.34 -26.10
C PRO B 192 -2.25 11.69 -26.53
N THR B 193 -2.13 12.73 -27.34
CA THR B 193 -0.84 13.17 -27.84
C THR B 193 0.10 13.71 -26.77
N SER B 194 -0.44 13.95 -25.58
CA SER B 194 0.39 14.45 -24.48
C SER B 194 1.46 13.41 -24.11
N ILE B 195 1.17 12.15 -24.44
CA ILE B 195 2.09 11.06 -24.15
C ILE B 195 3.45 11.26 -24.82
N GLN B 196 3.51 12.18 -25.77
CA GLN B 196 4.76 12.46 -26.47
C GLN B 196 5.70 13.26 -25.59
N ASN B 197 5.16 13.89 -24.55
CA ASN B 197 5.97 14.73 -23.67
C ASN B 197 6.33 14.17 -22.30
N ASN B 198 5.63 13.13 -21.88
CA ASN B 198 5.90 12.49 -20.60
C ASN B 198 4.91 11.37 -20.37
N ALA B 199 5.31 10.41 -19.55
CA ALA B 199 4.45 9.28 -19.22
C ALA B 199 3.19 9.78 -18.54
N CYS B 200 2.14 8.97 -18.57
CA CYS B 200 0.90 9.35 -17.93
C CYS B 200 0.29 8.11 -17.32
N TYR B 201 -0.73 8.30 -16.49
CA TYR B 201 -1.43 7.19 -15.86
C TYR B 201 -2.84 7.23 -16.42
N VAL B 202 -3.50 6.07 -16.49
CA VAL B 202 -4.88 6.05 -16.96
C VAL B 202 -5.67 5.40 -15.85
N LEU B 203 -6.62 6.13 -15.27
CA LEU B 203 -7.44 5.63 -14.18
C LEU B 203 -8.71 5.02 -14.74
N PHE B 204 -9.04 3.80 -14.29
CA PHE B 204 -10.23 3.13 -14.79
C PHE B 204 -10.71 2.04 -13.84
N LYS B 205 -11.86 1.45 -14.17
CA LYS B 205 -12.42 0.35 -13.38
C LYS B 205 -13.16 -0.54 -14.38
N VAL B 206 -13.14 -1.85 -14.13
CA VAL B 206 -13.84 -2.79 -15.01
C VAL B 206 -15.28 -2.96 -14.54
N ASN B 207 -16.18 -3.12 -15.50
CA ASN B 207 -17.59 -3.28 -15.19
C ASN B 207 -17.83 -4.67 -14.61
N THR B 208 -17.05 -5.65 -15.08
CA THR B 208 -17.21 -7.03 -14.61
C THR B 208 -15.91 -7.64 -14.08
N THR B 209 -15.96 -8.17 -12.86
CA THR B 209 -14.78 -8.80 -12.26
C THR B 209 -14.32 -9.98 -13.11
N GLY B 210 -13.01 -10.10 -13.30
CA GLY B 210 -12.47 -11.20 -14.10
C GLY B 210 -11.02 -10.99 -14.44
N VAL B 211 -10.51 -11.74 -15.41
CA VAL B 211 -9.11 -11.61 -15.84
C VAL B 211 -9.10 -10.82 -17.13
N TYR B 212 -8.09 -9.97 -17.30
CA TYR B 212 -8.01 -9.15 -18.49
C TYR B 212 -6.64 -9.15 -19.13
N LYS B 213 -6.64 -9.00 -20.46
CA LYS B 213 -5.41 -8.93 -21.22
C LYS B 213 -5.35 -7.46 -21.61
N ILE B 214 -4.27 -6.79 -21.22
CA ILE B 214 -4.12 -5.38 -21.53
C ILE B 214 -2.84 -5.21 -22.31
N THR B 215 -2.85 -4.33 -23.31
CA THR B 215 -1.65 -4.14 -24.12
C THR B 215 -1.82 -3.05 -25.16
N THR B 216 -0.72 -2.73 -25.85
CA THR B 216 -0.70 -1.74 -26.91
C THR B 216 -0.80 -2.56 -28.21
N LYS B 217 -1.19 -1.94 -29.32
CA LYS B 217 -1.34 -2.71 -30.56
C LYS B 217 -0.07 -3.42 -31.06
N ASN B 218 1.10 -2.91 -30.70
CA ASN B 218 2.36 -3.52 -31.13
C ASN B 218 3.02 -4.26 -29.97
N ASN B 219 2.32 -4.34 -28.84
CA ASN B 219 2.87 -4.99 -27.64
C ASN B 219 4.07 -4.14 -27.24
N LEU B 220 3.99 -2.86 -27.57
CA LEU B 220 5.04 -1.91 -27.27
C LEU B 220 4.40 -0.53 -27.13
N PRO B 221 4.83 0.27 -26.14
CA PRO B 221 5.86 -0.02 -25.14
C PRO B 221 5.28 -0.90 -24.03
N PRO B 222 6.11 -1.27 -23.03
CA PRO B 222 5.57 -2.11 -21.96
C PRO B 222 4.69 -1.29 -21.03
N LEU B 223 3.69 -1.93 -20.44
CA LEU B 223 2.80 -1.23 -19.52
C LEU B 223 2.95 -1.71 -18.08
N ILE B 224 2.73 -0.80 -17.14
CA ILE B 224 2.77 -1.12 -15.72
C ILE B 224 1.37 -0.87 -15.19
N ILE B 225 0.94 -1.65 -14.22
CA ILE B 225 -0.40 -1.43 -13.67
C ILE B 225 -0.41 -1.42 -12.14
N TYR B 226 -1.22 -0.54 -11.55
CA TYR B 226 -1.32 -0.40 -10.10
C TYR B 226 -2.78 -0.43 -9.66
N GLU B 227 -2.95 -0.60 -8.35
CA GLU B 227 -4.28 -0.58 -7.75
C GLU B 227 -4.26 0.66 -6.86
N ALA B 228 -5.39 1.36 -6.78
CA ALA B 228 -5.48 2.56 -5.93
C ALA B 228 -5.86 2.09 -4.52
N ILE B 229 -4.87 1.96 -3.65
CA ILE B 229 -5.08 1.49 -2.29
C ILE B 229 -6.18 2.24 -1.53
N GLY B 230 -7.17 1.49 -1.06
CA GLY B 230 -8.28 2.07 -0.33
C GLY B 230 -9.46 2.46 -1.19
N SER B 231 -9.32 2.32 -2.50
CA SER B 231 -10.38 2.69 -3.43
C SER B 231 -11.60 1.77 -3.40
N SER B 232 -11.48 0.61 -2.77
CA SER B 232 -12.60 -0.32 -2.75
C SER B 232 -13.73 -0.06 -1.77
N ASN B 233 -14.95 -0.16 -2.28
CA ASN B 233 -16.17 0.02 -1.50
C ASN B 233 -16.43 1.41 -0.90
N ARG B 234 -16.07 2.46 -1.63
CA ARG B 234 -16.37 3.81 -1.17
C ARG B 234 -17.49 4.32 -2.07
N ASN B 235 -17.36 5.51 -2.63
CA ASN B 235 -18.42 5.99 -3.51
C ASN B 235 -18.41 5.16 -4.79
N MET B 236 -19.59 4.96 -5.36
CA MET B 236 -19.71 4.15 -6.56
C MET B 236 -20.95 4.48 -7.40
N ASN B 237 -20.78 4.37 -8.71
CA ASN B 237 -21.84 4.62 -9.68
C ASN B 237 -21.63 3.61 -10.80
N SER B 238 -22.65 2.79 -11.06
CA SER B 238 -22.56 1.75 -12.08
C SER B 238 -22.28 2.25 -13.50
N ASN B 239 -22.57 3.52 -13.77
CA ASN B 239 -22.34 4.09 -15.10
C ASN B 239 -21.30 5.19 -15.10
N ASN B 240 -20.55 5.28 -14.01
CA ASN B 240 -19.53 6.31 -13.90
C ASN B 240 -18.49 5.96 -12.85
N LEU B 241 -17.23 6.26 -13.14
CA LEU B 241 -16.16 5.98 -12.19
C LEU B 241 -16.06 7.15 -11.24
N SER B 242 -16.29 6.89 -9.96
CA SER B 242 -16.18 7.95 -8.96
C SER B 242 -14.72 8.04 -8.55
N ASN B 243 -14.14 9.23 -8.70
CA ASN B 243 -12.75 9.44 -8.34
C ASN B 243 -12.63 9.70 -6.83
N ASP B 244 -11.48 9.33 -6.26
CA ASP B 244 -11.22 9.50 -4.83
C ASP B 244 -9.91 10.26 -4.64
N ASN B 245 -9.26 10.60 -5.74
CA ASN B 245 -7.99 11.30 -5.69
C ASN B 245 -7.00 10.52 -4.84
N ILE B 246 -7.08 9.20 -4.88
CA ILE B 246 -6.18 8.33 -4.13
C ILE B 246 -4.86 8.25 -4.89
N LYS B 247 -3.79 8.79 -4.31
CA LYS B 247 -2.49 8.78 -4.94
C LYS B 247 -1.61 7.67 -4.42
N ALA B 248 -2.15 6.85 -3.55
CA ALA B 248 -1.39 5.73 -2.99
C ALA B 248 -1.64 4.57 -3.93
N ILE B 249 -0.58 4.03 -4.52
CA ILE B 249 -0.77 2.95 -5.48
C ILE B 249 0.04 1.68 -5.23
N LYS B 250 -0.66 0.56 -5.35
CA LYS B 250 -0.06 -0.76 -5.18
C LYS B 250 0.32 -1.38 -6.52
N TYR B 251 1.62 -1.65 -6.69
CA TYR B 251 2.14 -2.23 -7.92
C TYR B 251 1.62 -3.65 -8.14
N ILE B 252 0.90 -3.87 -9.24
CA ILE B 252 0.39 -5.21 -9.55
C ILE B 252 1.47 -5.91 -10.37
N THR B 253 1.69 -5.43 -11.59
CA THR B 253 2.70 -6.02 -12.46
C THR B 253 3.05 -5.08 -13.61
N GLY B 254 4.19 -5.33 -14.25
CA GLY B 254 4.62 -4.50 -15.37
C GLY B 254 6.11 -4.23 -15.36
N LEU B 255 6.64 -3.69 -16.46
CA LEU B 255 8.06 -3.39 -16.58
C LEU B 255 8.33 -2.02 -17.19
N ASN B 256 9.57 -1.54 -17.04
CA ASN B 256 9.99 -0.25 -17.59
C ASN B 256 10.81 -0.44 -18.86
N ARG B 257 11.55 -1.54 -18.92
CA ARG B 257 12.42 -1.86 -20.07
C ARG B 257 11.74 -1.57 -21.43
N SER B 258 12.43 -0.77 -22.24
CA SER B 258 11.91 -0.36 -23.54
C SER B 258 11.61 -1.44 -24.58
N ASP B 259 12.58 -2.30 -24.85
CA ASP B 259 12.40 -3.37 -25.84
C ASP B 259 11.45 -4.49 -25.40
N ALA B 260 11.14 -4.55 -24.12
CA ALA B 260 10.26 -5.60 -23.60
C ALA B 260 8.90 -5.66 -24.31
N LYS B 261 8.85 -6.36 -25.43
CA LYS B 261 7.60 -6.51 -26.17
C LYS B 261 6.73 -7.41 -25.30
N SER B 262 5.54 -6.94 -24.94
CA SER B 262 4.68 -7.72 -24.07
C SER B 262 3.25 -7.23 -23.91
N TYR B 263 2.51 -7.95 -23.09
CA TYR B 263 1.13 -7.61 -22.76
C TYR B 263 0.90 -8.11 -21.35
N LEU B 264 -0.10 -7.57 -20.67
CA LEU B 264 -0.35 -7.97 -19.30
C LEU B 264 -1.58 -8.83 -19.15
N ILE B 265 -1.56 -9.68 -18.13
CA ILE B 265 -2.69 -10.52 -17.81
C ILE B 265 -2.81 -10.38 -16.31
N VAL B 266 -3.91 -9.77 -15.86
CA VAL B 266 -4.14 -9.51 -14.44
C VAL B 266 -5.59 -9.72 -14.04
N SER B 267 -5.79 -9.95 -12.75
CA SER B 267 -7.12 -10.15 -12.20
C SER B 267 -7.66 -8.78 -11.74
N LEU B 268 -8.85 -8.43 -12.18
CA LEU B 268 -9.43 -7.14 -11.81
C LEU B 268 -10.81 -7.26 -11.20
N PHE B 269 -11.05 -6.47 -10.16
CA PHE B 269 -12.32 -6.47 -9.44
C PHE B 269 -13.03 -5.14 -9.69
N LYS B 270 -14.33 -5.20 -9.94
CA LYS B 270 -15.07 -3.99 -10.24
C LYS B 270 -15.18 -2.97 -9.10
N ASP B 271 -15.16 -3.43 -7.86
CA ASP B 271 -15.28 -2.50 -6.73
C ASP B 271 -13.99 -1.72 -6.45
N LYS B 272 -13.03 -1.81 -7.35
CA LYS B 272 -11.76 -1.12 -7.17
C LYS B 272 -11.42 -0.21 -8.33
N ASN B 273 -10.40 0.62 -8.15
CA ASN B 273 -9.94 1.53 -9.18
C ASN B 273 -8.50 1.15 -9.49
N TYR B 274 -8.10 1.35 -10.74
CA TYR B 274 -6.76 0.98 -11.18
C TYR B 274 -6.11 2.08 -12.01
N TYR B 275 -4.79 2.01 -12.08
CA TYR B 275 -3.99 2.95 -12.84
C TYR B 275 -3.04 2.17 -13.76
N ILE B 276 -3.03 2.53 -15.04
CA ILE B 276 -2.12 1.91 -15.98
C ILE B 276 -1.17 3.03 -16.34
N ARG B 277 0.11 2.80 -16.15
CA ARG B 277 1.08 3.82 -16.49
C ARG B 277 1.61 3.52 -17.88
N ILE B 278 1.42 4.48 -18.78
CA ILE B 278 1.89 4.38 -20.16
C ILE B 278 3.15 5.20 -20.24
N PRO B 279 4.25 4.59 -20.70
CA PRO B 279 5.50 5.37 -20.80
C PRO B 279 5.34 6.45 -21.84
N GLN B 280 6.33 7.33 -21.94
CA GLN B 280 6.29 8.38 -22.93
C GLN B 280 6.52 7.76 -24.31
N ILE B 281 5.62 8.05 -25.25
CA ILE B 281 5.72 7.56 -26.62
C ILE B 281 6.30 8.70 -27.44
N SER B 282 7.60 8.61 -27.72
CA SER B 282 8.30 9.63 -28.49
C SER B 282 8.08 9.44 -30.00
N SER B 283 6.82 9.31 -30.40
CA SER B 283 6.48 9.12 -31.80
C SER B 283 5.46 10.18 -32.19
N SER B 284 4.94 10.09 -33.41
CA SER B 284 3.95 11.04 -33.89
C SER B 284 2.69 10.29 -34.37
N THR B 285 2.76 8.96 -34.33
CA THR B 285 1.65 8.13 -34.73
C THR B 285 0.87 7.63 -33.50
N THR B 286 -0.42 7.96 -33.46
CA THR B 286 -1.30 7.59 -32.36
C THR B 286 -1.18 6.14 -31.87
N SER B 287 -1.15 5.97 -30.56
CA SER B 287 -1.05 4.66 -29.93
C SER B 287 -2.38 4.31 -29.28
N GLN B 288 -2.54 3.05 -28.86
CA GLN B 288 -3.78 2.63 -28.22
C GLN B 288 -3.59 1.69 -27.04
N LEU B 289 -4.61 1.66 -26.19
CA LEU B 289 -4.60 0.81 -25.01
C LEU B 289 -5.76 -0.16 -25.22
N ILE B 290 -5.46 -1.45 -25.36
CA ILE B 290 -6.51 -2.43 -25.60
C ILE B 290 -6.81 -3.34 -24.42
N PHE B 291 -8.04 -3.28 -23.94
CA PHE B 291 -8.50 -4.09 -22.81
C PHE B 291 -9.36 -5.23 -23.33
N LYS B 292 -9.14 -6.44 -22.82
CA LYS B 292 -9.95 -7.57 -23.23
C LYS B 292 -10.17 -8.60 -22.13
N ARG B 293 -11.42 -8.81 -21.76
CA ARG B 293 -11.75 -9.78 -20.74
C ARG B 293 -11.36 -11.15 -21.28
N GLU B 294 -10.81 -12.00 -20.42
CA GLU B 294 -10.39 -13.33 -20.86
C GLU B 294 -11.00 -14.46 -20.02
N LEU B 295 -11.75 -15.35 -20.69
CA LEU B 295 -12.35 -16.50 -20.02
C LEU B 295 -11.37 -17.65 -20.21
N GLY B 296 -11.48 -18.69 -19.39
CA GLY B 296 -10.57 -19.80 -19.52
C GLY B 296 -9.42 -19.77 -18.53
N ASN B 297 -8.59 -20.82 -18.54
CA ASN B 297 -7.47 -20.91 -17.61
C ASN B 297 -6.26 -20.04 -17.96
N ILE B 298 -6.47 -19.00 -18.76
CA ILE B 298 -5.39 -18.09 -19.10
C ILE B 298 -5.13 -17.34 -17.79
N SER B 299 -6.08 -17.50 -16.87
CA SER B 299 -6.01 -16.89 -15.56
C SER B 299 -4.85 -17.49 -14.77
N ASP B 300 -4.31 -18.61 -15.23
CA ASP B 300 -3.19 -19.25 -14.55
C ASP B 300 -2.04 -18.26 -14.48
N LEU B 301 -2.01 -17.36 -15.45
CA LEU B 301 -0.97 -16.35 -15.53
C LEU B 301 -1.33 -15.12 -14.71
N ALA B 302 -2.56 -15.08 -14.20
CA ALA B 302 -3.09 -13.97 -13.39
C ALA B 302 -2.05 -13.17 -12.65
N ASP B 303 -1.99 -11.89 -13.00
CA ASP B 303 -1.06 -10.92 -12.46
C ASP B 303 0.35 -11.32 -12.85
N SER B 304 0.66 -11.03 -14.11
CA SER B 304 1.95 -11.33 -14.69
C SER B 304 2.14 -10.56 -16.00
N THR B 305 3.39 -10.31 -16.34
CA THR B 305 3.72 -9.64 -17.59
C THR B 305 4.18 -10.74 -18.55
N VAL B 306 3.55 -10.84 -19.72
CA VAL B 306 3.94 -11.87 -20.68
C VAL B 306 4.87 -11.31 -21.76
N ASN B 307 6.16 -11.63 -21.65
CA ASN B 307 7.16 -11.16 -22.59
C ASN B 307 7.26 -12.02 -23.85
N ILE B 308 6.93 -11.44 -25.01
CA ILE B 308 7.01 -12.19 -26.28
C ILE B 308 8.48 -12.29 -26.69
N LEU B 309 8.99 -13.52 -26.81
CA LEU B 309 10.40 -13.72 -27.18
C LEU B 309 10.73 -13.58 -28.67
N ASP B 310 11.82 -12.88 -28.94
CA ASP B 310 12.31 -12.61 -30.29
C ASP B 310 13.64 -13.31 -30.61
N ASN B 311 13.91 -13.51 -31.90
CA ASN B 311 15.14 -14.16 -32.38
C ASN B 311 15.34 -15.58 -31.87
N LEU B 312 14.35 -16.42 -32.09
CA LEU B 312 14.40 -17.82 -31.65
C LEU B 312 14.86 -18.76 -32.76
N ASN B 313 14.98 -18.24 -33.98
CA ASN B 313 15.39 -19.03 -35.13
C ASN B 313 16.89 -19.28 -35.24
N THR B 314 17.55 -19.51 -34.12
CA THR B 314 18.97 -19.81 -34.10
C THR B 314 19.18 -20.88 -33.05
N SER B 315 20.40 -21.39 -32.96
CA SER B 315 20.70 -22.45 -32.00
C SER B 315 21.46 -21.88 -30.82
N GLY B 316 21.40 -22.58 -29.69
CA GLY B 316 22.11 -22.14 -28.50
C GLY B 316 21.34 -21.27 -27.53
N THR B 317 22.09 -20.43 -26.81
CA THR B 317 21.52 -19.53 -25.81
C THR B 317 20.64 -18.45 -26.40
N HIS B 318 19.61 -18.09 -25.64
CA HIS B 318 18.65 -17.04 -26.00
C HIS B 318 18.29 -16.34 -24.70
N TYR B 319 19.07 -15.34 -24.33
CA TYR B 319 18.85 -14.61 -23.09
C TYR B 319 17.83 -13.48 -23.18
N TYR B 320 17.25 -13.15 -22.04
CA TYR B 320 16.27 -12.07 -21.93
C TYR B 320 16.34 -11.48 -20.52
N THR B 321 16.92 -10.29 -20.41
CA THR B 321 17.03 -9.62 -19.12
C THR B 321 15.76 -8.81 -18.86
N ARG B 322 15.20 -8.93 -17.66
CA ARG B 322 13.99 -8.19 -17.29
C ARG B 322 13.96 -7.95 -15.78
N GLN B 323 13.22 -6.93 -15.35
CA GLN B 323 13.12 -6.63 -13.92
C GLN B 323 12.46 -7.83 -13.24
N SER B 324 13.14 -8.39 -12.25
CA SER B 324 12.62 -9.56 -11.55
C SER B 324 11.43 -9.31 -10.65
N PRO B 325 10.45 -10.22 -10.68
CA PRO B 325 9.26 -10.07 -9.84
C PRO B 325 9.74 -10.35 -8.42
N ASP B 326 8.94 -9.97 -7.42
CA ASP B 326 9.35 -10.22 -6.04
C ASP B 326 9.12 -11.69 -5.76
N VAL B 327 9.79 -12.21 -4.73
CA VAL B 327 9.62 -13.61 -4.35
C VAL B 327 8.14 -13.95 -4.24
N GLY B 328 7.71 -14.97 -4.98
CA GLY B 328 6.32 -15.39 -4.91
C GLY B 328 5.46 -14.89 -6.06
N ASN B 329 5.98 -13.93 -6.83
CA ASN B 329 5.23 -13.40 -7.96
C ASN B 329 5.70 -13.96 -9.31
N TYR B 330 4.87 -13.80 -10.33
CA TYR B 330 5.17 -14.30 -11.67
C TYR B 330 5.78 -13.33 -12.68
N ILE B 331 6.26 -13.93 -13.75
CA ILE B 331 6.82 -13.24 -14.91
C ILE B 331 6.76 -14.32 -15.99
N SER B 332 6.03 -14.04 -17.06
CA SER B 332 5.85 -15.00 -18.14
C SER B 332 6.57 -14.68 -19.45
N TYR B 333 6.79 -15.71 -20.25
CA TYR B 333 7.47 -15.57 -21.53
C TYR B 333 6.68 -16.35 -22.56
N GLN B 334 6.40 -15.73 -23.70
CA GLN B 334 5.66 -16.39 -24.77
C GLN B 334 6.60 -16.80 -25.90
N LEU B 335 6.46 -18.05 -26.34
CA LEU B 335 7.30 -18.61 -27.40
C LEU B 335 6.54 -19.18 -28.58
N THR B 336 6.81 -18.65 -29.76
CA THR B 336 6.20 -19.19 -30.97
C THR B 336 7.37 -19.88 -31.63
N ILE B 337 7.33 -21.20 -31.66
CA ILE B 337 8.41 -22.00 -32.22
C ILE B 337 8.72 -21.73 -33.69
N PRO B 338 9.98 -21.41 -34.01
CA PRO B 338 10.46 -21.11 -35.36
C PRO B 338 10.24 -22.30 -36.28
N GLY B 339 9.64 -22.05 -37.44
CA GLY B 339 9.38 -23.11 -38.40
C GLY B 339 7.91 -23.20 -38.73
N ASP B 340 7.52 -24.20 -39.52
CA ASP B 340 6.12 -24.35 -39.89
C ASP B 340 5.45 -25.48 -39.12
N PHE B 341 4.16 -25.32 -38.86
CA PHE B 341 3.43 -26.31 -38.08
C PHE B 341 2.89 -27.53 -38.82
N ASN B 342 3.18 -28.70 -38.25
CA ASN B 342 2.75 -30.01 -38.74
C ASN B 342 3.17 -30.95 -37.62
N ASN B 343 2.30 -31.07 -36.61
CA ASN B 343 2.60 -31.89 -35.44
C ASN B 343 4.01 -32.47 -35.42
N ILE B 344 4.26 -33.48 -36.23
CA ILE B 344 5.57 -34.11 -36.29
C ILE B 344 6.79 -33.19 -36.06
N ALA B 345 6.93 -32.13 -36.85
CA ALA B 345 8.10 -31.24 -36.71
C ALA B 345 8.22 -30.60 -35.31
N SER B 346 9.41 -30.72 -34.72
CA SER B 346 9.68 -30.16 -33.39
C SER B 346 11.11 -29.65 -33.23
N SER B 347 11.35 -28.99 -32.11
CA SER B 347 12.69 -28.45 -31.79
C SER B 347 12.93 -28.66 -30.30
N ILE B 348 14.18 -28.98 -29.95
CA ILE B 348 14.55 -29.22 -28.55
C ILE B 348 14.93 -27.94 -27.82
N PHE B 349 14.27 -27.71 -26.68
CA PHE B 349 14.51 -26.53 -25.85
C PHE B 349 14.86 -26.84 -24.40
N SER B 350 15.62 -25.93 -23.77
CA SER B 350 16.01 -26.04 -22.38
C SER B 350 15.81 -24.69 -21.67
N PHE B 351 14.81 -24.63 -20.81
CA PHE B 351 14.50 -23.40 -20.08
C PHE B 351 15.30 -23.27 -18.80
N ARG B 352 15.89 -22.10 -18.62
CA ARG B 352 16.76 -21.84 -17.47
C ARG B 352 16.69 -20.35 -17.07
N THR B 353 17.32 -20.01 -15.96
CA THR B 353 17.38 -18.62 -15.48
C THR B 353 18.80 -18.43 -14.92
N ARG B 354 19.25 -17.19 -14.75
CA ARG B 354 20.61 -16.98 -14.26
C ARG B 354 20.84 -16.30 -12.91
N ASN B 355 20.18 -15.17 -12.68
CA ASN B 355 20.36 -14.45 -11.43
C ASN B 355 19.48 -14.97 -10.31
N ASN B 356 18.19 -14.97 -10.54
CA ASN B 356 17.24 -15.41 -9.53
C ASN B 356 16.68 -16.81 -9.76
N GLN B 357 16.36 -17.49 -8.66
CA GLN B 357 15.83 -18.83 -8.70
C GLN B 357 14.31 -18.76 -8.74
N GLY B 358 13.69 -19.84 -9.22
CA GLY B 358 12.25 -19.88 -9.30
C GLY B 358 11.70 -21.24 -9.70
N ILE B 359 10.38 -21.30 -9.81
CA ILE B 359 9.64 -22.49 -10.19
C ILE B 359 8.99 -22.20 -11.55
N GLY B 360 9.20 -23.09 -12.51
CA GLY B 360 8.63 -22.86 -13.82
C GLY B 360 7.50 -23.80 -14.22
N THR B 361 6.64 -23.31 -15.10
CA THR B 361 5.52 -24.07 -15.62
C THR B 361 5.49 -23.79 -17.12
N LEU B 362 5.44 -24.84 -17.92
CA LEU B 362 5.42 -24.70 -19.38
C LEU B 362 4.02 -25.02 -19.87
N TYR B 363 3.44 -24.09 -20.61
CA TYR B 363 2.10 -24.26 -21.14
C TYR B 363 2.07 -24.26 -22.66
N ARG B 364 1.06 -24.92 -23.20
CA ARG B 364 0.84 -24.97 -24.64
C ARG B 364 -0.36 -24.03 -24.81
N LEU B 365 -0.18 -22.98 -25.59
CA LEU B 365 -1.25 -22.02 -25.82
C LEU B 365 -2.15 -22.47 -26.96
N THR B 366 -3.42 -22.72 -26.66
CA THR B 366 -4.33 -23.16 -27.70
C THR B 366 -5.47 -22.18 -27.92
N GLU B 367 -5.81 -21.97 -29.18
CA GLU B 367 -6.87 -21.06 -29.57
C GLU B 367 -8.19 -21.83 -29.69
N SER B 368 -9.28 -21.16 -29.33
CA SER B 368 -10.62 -21.75 -29.39
C SER B 368 -11.59 -20.61 -29.63
N ILE B 369 -12.85 -20.96 -29.87
CA ILE B 369 -13.86 -19.94 -30.11
C ILE B 369 -14.52 -19.63 -28.77
N ASN B 370 -13.86 -20.07 -27.71
CA ASN B 370 -14.30 -19.86 -26.34
C ASN B 370 -13.10 -19.28 -25.58
N GLY B 371 -12.29 -18.52 -26.32
CA GLY B 371 -11.10 -17.92 -25.73
C GLY B 371 -9.87 -18.80 -25.79
N TYR B 372 -8.83 -18.40 -25.06
CA TYR B 372 -7.59 -19.15 -25.01
C TYR B 372 -7.66 -20.24 -23.96
N ASN B 373 -6.75 -21.20 -24.08
CA ASN B 373 -6.66 -22.31 -23.15
C ASN B 373 -5.20 -22.71 -23.03
N LEU B 374 -4.82 -23.16 -21.83
CA LEU B 374 -3.46 -23.60 -21.58
C LEU B 374 -3.44 -25.07 -21.23
N ILE B 375 -2.39 -25.76 -21.65
CA ILE B 375 -2.23 -27.17 -21.36
C ILE B 375 -0.86 -27.30 -20.72
N THR B 376 -0.80 -27.79 -19.49
CA THR B 376 0.48 -27.93 -18.81
C THR B 376 1.32 -29.01 -19.49
N ILE B 377 2.51 -28.63 -19.93
CA ILE B 377 3.40 -29.56 -20.60
C ILE B 377 4.38 -30.14 -19.59
N ASN B 378 4.71 -29.35 -18.57
CA ASN B 378 5.66 -29.81 -17.57
C ASN B 378 5.86 -28.73 -16.52
N ASN B 379 6.52 -29.08 -15.42
CA ASN B 379 6.82 -28.14 -14.33
C ASN B 379 8.28 -28.31 -13.96
N TYR B 380 8.91 -27.24 -13.48
CA TYR B 380 10.32 -27.28 -13.10
C TYR B 380 10.49 -26.71 -11.70
N SER B 381 11.14 -27.46 -10.81
CA SER B 381 11.35 -26.99 -9.44
C SER B 381 12.73 -26.35 -9.23
N ASP B 382 13.48 -26.17 -10.30
CA ASP B 382 14.80 -25.56 -10.23
C ASP B 382 15.13 -25.04 -11.62
N LEU B 383 15.03 -23.73 -11.79
CA LEU B 383 15.32 -23.09 -13.08
C LEU B 383 16.77 -22.69 -13.22
N LEU B 384 17.38 -22.26 -12.13
CA LEU B 384 18.76 -21.83 -12.15
C LEU B 384 19.68 -22.95 -12.67
N ASN B 385 19.37 -24.19 -12.31
CA ASN B 385 20.17 -25.33 -12.74
C ASN B 385 19.41 -26.37 -13.55
N ASN B 386 18.34 -25.97 -14.23
CA ASN B 386 17.59 -26.93 -15.02
C ASN B 386 18.35 -27.30 -16.29
N VAL B 387 18.38 -28.59 -16.59
CA VAL B 387 19.07 -29.10 -17.77
C VAL B 387 18.16 -30.03 -18.57
N GLU B 388 17.00 -30.34 -17.99
CA GLU B 388 16.04 -31.22 -18.65
C GLU B 388 15.52 -30.58 -19.93
N PRO B 389 15.84 -31.18 -21.09
CA PRO B 389 15.36 -30.62 -22.36
C PRO B 389 13.92 -31.05 -22.62
N ILE B 390 13.28 -30.40 -23.57
CA ILE B 390 11.90 -30.68 -23.91
C ILE B 390 11.72 -30.36 -25.40
N SER B 391 10.97 -31.19 -26.11
CA SER B 391 10.75 -30.95 -27.53
C SER B 391 9.39 -30.27 -27.75
N LEU B 392 9.42 -29.16 -28.47
CA LEU B 392 8.22 -28.38 -28.73
C LEU B 392 7.85 -28.38 -30.20
N LEU B 393 6.56 -28.50 -30.48
CA LEU B 393 6.05 -28.50 -31.84
C LEU B 393 6.31 -27.19 -32.56
N ASN B 394 6.95 -27.29 -33.71
CA ASN B 394 7.26 -26.13 -34.54
C ASN B 394 6.00 -25.41 -35.01
N GLY B 395 6.06 -24.08 -35.01
CA GLY B 395 4.92 -23.29 -35.45
C GLY B 395 3.89 -23.13 -34.36
N ALA B 396 4.10 -23.79 -33.23
CA ALA B 396 3.17 -23.70 -32.12
C ALA B 396 3.67 -22.64 -31.14
N THR B 397 2.75 -22.18 -30.28
CA THR B 397 3.09 -21.17 -29.27
C THR B 397 2.99 -21.70 -27.85
N TYR B 398 4.04 -21.42 -27.08
CA TYR B 398 4.13 -21.85 -25.69
C TYR B 398 4.36 -20.67 -24.76
N ILE B 399 3.85 -20.78 -23.54
CA ILE B 399 4.03 -19.75 -22.53
C ILE B 399 4.71 -20.42 -21.34
N PHE B 400 5.77 -19.79 -20.85
CA PHE B 400 6.52 -20.31 -19.72
C PHE B 400 6.41 -19.37 -18.52
N ARG B 401 5.76 -19.84 -17.45
CA ARG B 401 5.57 -19.04 -16.25
C ARG B 401 6.64 -19.27 -15.18
N VAL B 402 7.26 -18.18 -14.75
CA VAL B 402 8.28 -18.25 -13.70
C VAL B 402 7.76 -17.63 -12.40
N LYS B 403 7.90 -18.36 -11.30
CA LYS B 403 7.50 -17.89 -9.99
C LYS B 403 8.78 -17.72 -9.18
N VAL B 404 9.20 -16.48 -8.97
CA VAL B 404 10.42 -16.21 -8.22
C VAL B 404 10.39 -16.79 -6.80
N THR B 405 11.46 -17.48 -6.44
CA THR B 405 11.58 -18.07 -5.11
C THR B 405 12.80 -17.52 -4.39
N GLU B 406 13.69 -16.91 -5.16
CA GLU B 406 14.91 -16.36 -4.60
C GLU B 406 15.30 -15.09 -5.36
N LEU B 407 15.23 -13.96 -4.68
CA LEU B 407 15.54 -12.67 -5.29
C LEU B 407 16.97 -12.22 -5.00
N ASN B 408 17.91 -12.65 -5.83
CA ASN B 408 19.32 -12.28 -5.64
C ASN B 408 19.71 -11.00 -6.35
N ASN B 409 19.14 -10.75 -7.51
CA ASN B 409 19.47 -9.53 -8.24
C ASN B 409 18.22 -8.78 -8.70
N TYR B 410 18.38 -7.49 -8.96
CA TYR B 410 17.28 -6.66 -9.41
C TYR B 410 16.65 -7.26 -10.67
N ASN B 411 17.50 -7.77 -11.55
CA ASN B 411 17.06 -8.38 -12.81
C ASN B 411 17.14 -9.89 -12.79
N ILE B 412 16.21 -10.52 -13.50
CA ILE B 412 16.19 -11.97 -13.64
C ILE B 412 16.40 -12.23 -15.14
N ILE B 413 17.29 -13.16 -15.47
CA ILE B 413 17.55 -13.48 -16.87
C ILE B 413 16.95 -14.81 -17.26
N PHE B 414 16.13 -14.80 -18.30
CA PHE B 414 15.51 -16.03 -18.79
C PHE B 414 16.30 -16.51 -20.00
N ASP B 415 16.58 -17.80 -20.03
CA ASP B 415 17.34 -18.38 -21.13
C ASP B 415 16.59 -19.53 -21.78
N ALA B 416 16.09 -19.30 -22.99
CA ALA B 416 15.37 -20.33 -23.72
C ALA B 416 16.40 -21.02 -24.62
N TYR B 417 17.24 -21.85 -24.01
CA TYR B 417 18.29 -22.58 -24.73
C TYR B 417 17.73 -23.50 -25.80
N ARG B 418 18.32 -23.45 -26.98
CA ARG B 418 17.87 -24.29 -28.08
C ARG B 418 18.90 -25.37 -28.38
N ASN B 419 18.55 -26.62 -28.04
CA ASN B 419 19.43 -27.76 -28.28
C ASN B 419 19.47 -28.04 -29.77
N SER B 420 18.37 -27.69 -30.44
CA SER B 420 18.23 -27.89 -31.87
C SER B 420 16.80 -27.57 -32.31
C2 BGC C . 17.42 -1.75 -19.85
C3 BGC C . 17.89 -2.65 -21.01
C4 BGC C . 19.21 -2.21 -21.65
C5 BGC C . 20.24 -1.80 -20.60
C6 BGC C . 21.44 -1.13 -21.23
C1 BGC C . 18.58 -1.44 -18.91
O1 BGC C . 18.18 -0.50 -17.97
O2 BGC C . 16.38 -2.38 -19.12
O3 BGC C . 16.88 -2.68 -22.00
O4 BGC C . 19.77 -3.31 -22.38
O5 BGC C . 19.65 -0.86 -19.68
O6 BGC C . 22.57 -1.17 -20.38
C1 GAL C . 19.27 -3.64 -23.63
C2 GAL C . 19.44 -2.46 -24.61
C3 GAL C . 19.16 -2.91 -26.07
C4 GAL C . 19.97 -4.16 -26.42
C5 GAL C . 19.67 -5.23 -25.39
C6 GAL C . 20.40 -6.53 -25.59
O2 GAL C . 18.54 -1.42 -24.25
O3 GAL C . 19.49 -1.86 -26.97
O4 GAL C . 21.36 -3.85 -26.36
O5 GAL C . 20.04 -4.77 -24.08
O6 GAL C . 20.21 -7.33 -24.42
C1 SIA C . 19.01 -8.95 -23.17
C2 SIA C . 19.56 -8.54 -24.53
C3 SIA C . 20.54 -9.60 -25.06
C4 SIA C . 19.83 -10.88 -25.51
C5 SIA C . 18.65 -10.58 -26.39
C6 SIA C . 17.73 -9.62 -25.63
C7 SIA C . 16.42 -9.37 -26.35
C8 SIA C . 15.71 -8.17 -25.75
C9 SIA C . 14.31 -8.02 -26.37
C10 SIA C . 17.94 -12.31 -27.91
C11 SIA C . 17.74 -13.81 -28.05
N5 SIA C . 17.95 -11.81 -26.68
O1A SIA C . 19.81 -9.25 -22.25
O1B SIA C . 17.77 -8.94 -22.99
O4 SIA C . 20.75 -11.69 -26.22
O6 SIA C . 18.42 -8.38 -25.42
O7 SIA C . 16.62 -9.18 -27.74
O8 SIA C . 15.60 -8.35 -24.35
O9 SIA C . 13.50 -9.12 -26.00
O10 SIA C . 18.10 -11.62 -28.91
C1 MRD D . -9.05 5.71 32.14
C2 MRD D . -7.70 5.42 31.54
O2 MRD D . -7.27 4.12 31.93
CM MRD D . -7.82 5.48 30.03
C3 MRD D . -6.70 6.46 32.03
C4 MRD D . -6.35 6.41 33.52
O4 MRD D . -7.52 6.72 34.30
C5 MRD D . -5.23 7.39 33.85
C1 MRD E . -7.47 17.13 27.26
C2 MRD E . -8.57 16.50 28.13
O2 MRD E . -8.72 17.26 29.33
CM MRD E . -9.89 16.47 27.39
C3 MRD E . -8.15 15.07 28.49
C4 MRD E . -7.96 14.12 27.31
O4 MRD E . -9.24 13.85 26.70
C5 MRD E . -7.34 12.81 27.78
C1 MRD F . 1.12 -6.11 2.85
C2 MRD F . 0.99 -4.60 2.89
O2 MRD F . -0.39 -4.24 3.01
CM MRD F . 1.75 -4.04 4.09
C3 MRD F . 1.54 -4.01 1.58
C4 MRD F . 1.57 -2.49 1.39
O4 MRD F . 1.55 -2.17 0.00
C5 MRD F . 2.80 -1.88 2.05
C1 MRD G . 10.62 15.14 -10.90
C2 MRD G . 10.39 14.02 -9.89
O2 MRD G . 11.60 13.78 -9.16
CM MRD G . 9.30 14.40 -8.93
C3 MRD G . 9.97 12.73 -10.60
C4 MRD G . 10.97 12.12 -11.60
O4 MRD G . 10.36 11.00 -12.24
C5 MRD G . 12.25 11.68 -10.92
C1 MRD H . 11.44 -4.95 37.45
C2 MRD H . 11.52 -3.42 37.56
O2 MRD H . 11.79 -3.05 38.92
CM MRD H . 12.62 -2.88 36.66
C3 MRD H . 10.18 -2.80 37.14
C4 MRD H . 8.87 -3.32 37.73
O4 MRD H . 7.77 -2.57 37.21
C5 MRD H . 8.87 -3.24 39.26
#